data_1BYG
#
_entry.id   1BYG
#
_cell.length_a   44.490
_cell.length_b   120.580
_cell.length_c   48.290
_cell.angle_alpha   90.00
_cell.angle_beta   90.00
_cell.angle_gamma   90.00
#
_symmetry.space_group_name_H-M   'P 21 21 2'
#
loop_
_entity.id
_entity.type
_entity.pdbx_description
1 polymer 'PROTEIN (C-TERMINAL SRC KINASE)'
2 non-polymer STAUROSPORINE
3 water water
#
_entity_poly.entity_id   1
_entity_poly.type   'polypeptide(L)'
_entity_poly.pdbx_seq_one_letter_code
;MGGSVAAQDEFYRSGWALNMKELKLLQTIGKGEFGDVMLGDYRGNKVAVKCIKNDATAQAFLAEASVMTQLRHSNLVQLL
GVIVEEKGGLYIVTEYMAKGSLVDYLRSRGRSVLGGDCLLKFSLDVCEAMEYLEGNNFVHRDLAARNVLVSEDNVAKVSD
FGLTKEASSTQDTGKLPVKWTAPEALREKKFSTKSDVWSFGILLWEIYSFGRVPYPRIPLKDVVPRVEKGYKMDAPDGCP
PAVYEVMKNCWHLDAAMRPSFLQLREQLEHIKTHELHL
;
_entity_poly.pdbx_strand_id   A
#
# COMPACT_ATOMS: atom_id res chain seq x y z
N GLY A 15 -8.67 -25.64 6.79
CA GLY A 15 -8.08 -24.52 7.50
C GLY A 15 -8.07 -23.71 6.44
N TRP A 16 -8.16 -23.48 5.12
CA TRP A 16 -8.34 -22.15 4.62
C TRP A 16 -9.77 -21.94 4.15
N ALA A 17 -10.52 -23.01 4.07
CA ALA A 17 -11.91 -22.96 3.61
C ALA A 17 -12.86 -22.59 4.75
N LEU A 18 -13.70 -21.61 4.42
CA LEU A 18 -14.74 -21.19 5.35
C LEU A 18 -16.06 -21.72 4.79
N ASN A 19 -17.11 -21.67 5.60
CA ASN A 19 -18.43 -22.10 5.20
C ASN A 19 -19.31 -20.97 4.67
N MET A 20 -19.56 -20.96 3.35
CA MET A 20 -20.29 -19.91 2.67
C MET A 20 -21.67 -19.64 3.25
N LYS A 21 -22.23 -20.78 3.67
CA LYS A 21 -23.46 -20.84 4.41
C LYS A 21 -23.45 -19.87 5.58
N GLU A 22 -22.32 -19.62 6.21
CA GLU A 22 -22.16 -18.72 7.32
C GLU A 22 -21.64 -17.32 7.01
N LEU A 23 -21.34 -17.01 5.76
CA LEU A 23 -20.94 -15.66 5.39
C LEU A 23 -22.11 -14.81 4.85
N LYS A 24 -22.20 -13.58 5.37
CA LYS A 24 -23.19 -12.65 4.90
C LYS A 24 -22.47 -11.46 4.26
N LEU A 25 -22.80 -11.22 3.00
CA LEU A 25 -22.33 -10.03 2.29
C LEU A 25 -23.26 -8.90 2.66
N LEU A 26 -22.78 -7.90 3.38
CA LEU A 26 -23.65 -6.81 3.80
C LEU A 26 -23.70 -5.60 2.87
N GLN A 27 -22.47 -5.16 2.49
CA GLN A 27 -22.42 -3.96 1.69
C GLN A 27 -21.12 -3.81 0.89
N THR A 28 -21.24 -3.25 -0.34
CA THR A 28 -20.07 -2.95 -1.12
C THR A 28 -19.29 -1.78 -0.53
N ILE A 29 -17.97 -1.93 -0.31
CA ILE A 29 -17.25 -0.86 0.38
C ILE A 29 -16.04 -0.40 -0.44
N GLY A 30 -15.83 -1.11 -1.53
CA GLY A 30 -14.82 -0.72 -2.50
C GLY A 30 -14.95 -1.61 -3.71
N LYS A 31 -14.19 -1.24 -4.73
CA LYS A 31 -14.16 -2.07 -5.94
C LYS A 31 -12.79 -1.88 -6.57
N GLY A 32 -12.12 -2.97 -6.86
CA GLY A 32 -10.84 -2.93 -7.54
C GLY A 32 -11.06 -3.58 -8.92
N GLU A 33 -9.98 -3.81 -9.67
CA GLU A 33 -10.14 -4.39 -11.01
C GLU A 33 -10.57 -5.84 -10.92
N PHE A 34 -10.12 -6.48 -9.83
CA PHE A 34 -10.46 -7.85 -9.52
C PHE A 34 -11.96 -8.07 -9.35
N GLY A 35 -12.63 -7.10 -8.77
CA GLY A 35 -14.05 -7.26 -8.39
C GLY A 35 -14.33 -6.34 -7.18
N ASP A 36 -15.61 -6.25 -6.81
CA ASP A 36 -15.84 -5.41 -5.62
C ASP A 36 -15.36 -6.04 -4.35
N VAL A 37 -15.24 -5.21 -3.35
CA VAL A 37 -14.88 -5.57 -1.98
C VAL A 37 -16.02 -5.17 -1.07
N MET A 38 -16.39 -6.15 -0.22
CA MET A 38 -17.52 -5.98 0.68
C MET A 38 -17.33 -6.14 2.15
N LEU A 39 -17.99 -5.27 2.90
CA LEU A 39 -18.13 -5.50 4.34
C LEU A 39 -18.99 -6.75 4.48
N GLY A 40 -18.48 -7.79 5.10
CA GLY A 40 -19.28 -9.02 5.25
C GLY A 40 -19.46 -9.35 6.73
N ASP A 41 -20.30 -10.36 6.95
CA ASP A 41 -20.52 -10.82 8.32
C ASP A 41 -20.23 -12.30 8.31
N TYR A 42 -19.14 -12.71 8.94
CA TYR A 42 -18.85 -14.13 9.03
C TYR A 42 -19.18 -14.51 10.46
N ARG A 43 -20.28 -15.24 10.56
CA ARG A 43 -20.84 -15.75 11.79
C ARG A 43 -20.41 -15.01 13.03
N GLY A 44 -20.78 -13.73 13.10
CA GLY A 44 -20.48 -12.95 14.29
C GLY A 44 -19.55 -11.78 13.93
N ASN A 45 -18.41 -12.00 13.29
CA ASN A 45 -17.59 -10.83 13.04
C ASN A 45 -17.57 -10.09 11.70
N LYS A 46 -17.48 -8.76 11.80
CA LYS A 46 -17.20 -7.95 10.61
C LYS A 46 -15.93 -8.46 9.89
N VAL A 47 -16.06 -8.73 8.59
CA VAL A 47 -15.02 -9.14 7.69
C VAL A 47 -15.03 -8.40 6.35
N ALA A 48 -13.99 -8.43 5.55
CA ALA A 48 -13.85 -7.80 4.24
C ALA A 48 -13.83 -8.94 3.21
N VAL A 49 -14.54 -8.80 2.14
CA VAL A 49 -14.68 -9.93 1.23
C VAL A 49 -14.37 -9.45 -0.17
N LYS A 50 -13.57 -10.23 -0.85
CA LYS A 50 -13.23 -9.91 -2.23
C LYS A 50 -14.07 -10.80 -3.14
N CYS A 51 -15.07 -10.20 -3.80
CA CYS A 51 -15.90 -10.98 -4.73
C CYS A 51 -15.25 -11.00 -6.13
N ILE A 52 -14.85 -12.20 -6.53
CA ILE A 52 -14.26 -12.30 -7.89
C ILE A 52 -15.26 -13.02 -8.78
N LYS A 53 -15.35 -12.70 -10.05
CA LYS A 53 -16.21 -13.39 -11.01
C LYS A 53 -15.38 -13.55 -12.29
N ASN A 54 -14.94 -12.40 -12.81
CA ASN A 54 -14.16 -12.22 -14.02
C ASN A 54 -12.74 -12.77 -13.91
N ASP A 55 -12.56 -14.01 -14.28
CA ASP A 55 -11.31 -14.75 -14.22
C ASP A 55 -10.19 -14.19 -15.09
N ALA A 58 -8.08 -15.18 -11.21
CA ALA A 58 -8.62 -15.73 -9.97
C ALA A 58 -8.08 -17.16 -9.80
N GLN A 59 -8.14 -17.78 -10.98
CA GLN A 59 -7.66 -19.14 -11.24
C GLN A 59 -6.13 -19.05 -11.24
N ALA A 60 -5.62 -17.89 -11.64
CA ALA A 60 -4.23 -17.55 -11.56
C ALA A 60 -3.81 -17.47 -10.10
N PHE A 61 -4.34 -16.44 -9.42
CA PHE A 61 -4.00 -16.25 -8.02
C PHE A 61 -4.13 -17.54 -7.23
N LEU A 62 -5.22 -18.28 -7.35
CA LEU A 62 -5.51 -19.50 -6.63
C LEU A 62 -4.45 -20.58 -6.75
N ALA A 63 -3.74 -20.62 -7.86
CA ALA A 63 -2.64 -21.54 -8.08
C ALA A 63 -1.50 -21.20 -7.12
N GLU A 64 -1.25 -19.89 -7.03
CA GLU A 64 -0.24 -19.31 -6.16
C GLU A 64 -0.81 -19.13 -4.76
N ALA A 65 -1.98 -19.72 -4.46
CA ALA A 65 -2.64 -19.45 -3.22
C ALA A 65 -1.69 -19.81 -2.09
N SER A 66 -1.39 -21.09 -1.94
CA SER A 66 -0.53 -21.57 -0.86
C SER A 66 0.71 -20.72 -0.64
N VAL A 67 1.45 -20.32 -1.67
CA VAL A 67 2.57 -19.42 -1.55
C VAL A 67 2.18 -17.99 -1.18
N MET A 68 1.16 -17.41 -1.81
CA MET A 68 0.61 -16.12 -1.47
C MET A 68 -0.22 -16.16 -0.20
N THR A 69 -0.72 -17.33 0.24
CA THR A 69 -1.37 -17.52 1.52
C THR A 69 -0.28 -17.92 2.56
N GLN A 70 0.93 -18.09 2.06
CA GLN A 70 2.05 -18.35 2.97
C GLN A 70 2.50 -17.01 3.55
N LEU A 71 2.19 -15.94 2.82
CA LEU A 71 2.58 -14.60 3.23
C LEU A 71 1.82 -14.12 4.46
N ARG A 72 2.50 -14.01 5.59
CA ARG A 72 1.95 -13.53 6.83
C ARG A 72 2.92 -12.59 7.57
N HIS A 73 2.46 -11.44 8.01
CA HIS A 73 3.27 -10.42 8.67
C HIS A 73 2.24 -9.48 9.28
N SER A 74 2.55 -8.80 10.37
CA SER A 74 1.51 -7.99 11.00
C SER A 74 1.13 -6.73 10.27
N ASN A 75 1.75 -6.36 9.17
CA ASN A 75 1.42 -5.15 8.41
C ASN A 75 0.89 -5.52 7.03
N LEU A 76 0.40 -6.74 6.95
CA LEU A 76 -0.20 -7.24 5.73
C LEU A 76 -1.63 -7.65 6.15
N VAL A 77 -2.63 -7.15 5.39
CA VAL A 77 -4.03 -7.48 5.76
C VAL A 77 -4.15 -8.97 5.99
N GLN A 78 -4.66 -9.46 7.13
CA GLN A 78 -4.63 -10.92 7.32
C GLN A 78 -5.76 -11.62 6.57
N LEU A 79 -5.41 -12.73 5.93
CA LEU A 79 -6.40 -13.56 5.28
C LEU A 79 -7.16 -14.36 6.35
N LEU A 80 -8.49 -14.39 6.22
CA LEU A 80 -9.24 -15.24 7.13
C LEU A 80 -9.64 -16.53 6.45
N GLY A 81 -10.08 -16.50 5.21
CA GLY A 81 -10.68 -17.65 4.55
C GLY A 81 -10.79 -17.48 3.06
N VAL A 82 -11.39 -18.46 2.39
CA VAL A 82 -11.47 -18.47 0.93
C VAL A 82 -12.57 -19.41 0.45
N ILE A 83 -13.50 -18.89 -0.33
CA ILE A 83 -14.56 -19.66 -1.01
C ILE A 83 -14.14 -19.69 -2.49
N VAL A 84 -14.40 -20.75 -3.23
CA VAL A 84 -13.75 -20.91 -4.54
C VAL A 84 -14.70 -21.39 -5.61
N GLU A 85 -14.53 -20.96 -6.86
CA GLU A 85 -15.30 -21.37 -8.01
C GLU A 85 -16.81 -21.19 -7.95
N GLU A 86 -17.29 -20.45 -6.96
CA GLU A 86 -18.70 -20.23 -6.75
C GLU A 86 -18.91 -19.34 -5.52
N GLY A 89 -13.55 -17.07 -9.74
CA GLY A 89 -14.85 -16.77 -9.07
C GLY A 89 -14.67 -17.17 -7.61
N LEU A 90 -13.99 -16.29 -6.87
CA LEU A 90 -13.60 -16.53 -5.50
C LEU A 90 -14.29 -15.61 -4.49
N TYR A 91 -14.46 -16.14 -3.28
CA TYR A 91 -14.87 -15.25 -2.19
C TYR A 91 -13.68 -15.10 -1.25
N ILE A 92 -12.69 -14.28 -1.59
CA ILE A 92 -11.59 -14.10 -0.64
C ILE A 92 -11.97 -13.33 0.64
N VAL A 93 -11.90 -13.96 1.80
CA VAL A 93 -12.17 -13.39 3.10
C VAL A 93 -10.97 -12.95 3.92
N THR A 94 -10.83 -11.65 4.20
CA THR A 94 -9.77 -11.07 4.97
C THR A 94 -10.18 -10.26 6.20
N GLU A 95 -9.22 -9.91 7.05
CA GLU A 95 -9.51 -8.99 8.13
C GLU A 95 -10.08 -7.68 7.52
N TYR A 96 -10.91 -7.10 8.34
CA TYR A 96 -11.60 -5.88 8.13
C TYR A 96 -10.84 -4.75 8.77
N MET A 97 -10.43 -3.80 7.96
CA MET A 97 -9.70 -2.61 8.39
C MET A 97 -10.72 -1.50 8.62
N ALA A 98 -11.16 -1.39 9.86
CA ALA A 98 -12.17 -0.45 10.31
C ALA A 98 -11.91 1.01 9.95
N LYS A 99 -10.66 1.48 9.84
CA LYS A 99 -10.54 2.88 9.49
C LYS A 99 -10.32 3.19 8.03
N GLY A 100 -10.41 2.22 7.13
CA GLY A 100 -10.31 2.43 5.72
C GLY A 100 -8.93 2.74 5.12
N SER A 101 -9.02 3.42 3.99
CA SER A 101 -7.82 3.77 3.27
C SER A 101 -7.09 4.85 3.99
N LEU A 102 -5.77 4.72 4.08
CA LEU A 102 -4.95 5.76 4.68
C LEU A 102 -5.12 7.08 3.96
N VAL A 103 -5.17 7.17 2.64
CA VAL A 103 -5.44 8.41 1.94
C VAL A 103 -6.63 9.14 2.52
N ASP A 104 -7.78 8.47 2.59
CA ASP A 104 -8.96 9.02 3.21
C ASP A 104 -8.82 9.46 4.62
N TYR A 105 -8.21 8.60 5.44
CA TYR A 105 -7.89 8.88 6.85
C TYR A 105 -7.02 10.11 6.99
N LEU A 106 -5.89 10.23 6.27
CA LEU A 106 -5.05 11.42 6.23
C LEU A 106 -5.85 12.64 5.82
N ARG A 107 -6.77 12.62 4.85
CA ARG A 107 -7.57 13.79 4.58
C ARG A 107 -8.59 14.11 5.64
N SER A 108 -9.16 13.05 6.25
CA SER A 108 -10.20 13.25 7.25
C SER A 108 -9.55 13.83 8.51
N ARG A 109 -8.59 13.05 8.99
CA ARG A 109 -8.01 13.34 10.29
C ARG A 109 -7.23 14.62 10.17
N GLY A 110 -6.42 14.67 9.13
CA GLY A 110 -5.60 15.84 8.82
C GLY A 110 -4.72 16.28 9.97
N ARG A 111 -3.96 17.35 9.74
CA ARG A 111 -2.99 17.89 10.68
C ARG A 111 -3.48 18.04 12.11
N SER A 112 -4.73 18.45 12.29
CA SER A 112 -5.43 18.60 13.54
C SER A 112 -5.33 17.37 14.44
N VAL A 113 -5.49 16.17 13.91
CA VAL A 113 -5.47 14.94 14.68
C VAL A 113 -4.11 14.24 14.64
N LEU A 114 -3.47 14.18 13.47
CA LEU A 114 -2.26 13.39 13.29
C LEU A 114 -0.93 14.06 13.54
N GLY A 115 -0.33 13.76 14.68
CA GLY A 115 0.97 14.31 15.03
C GLY A 115 2.13 13.64 14.30
N GLY A 116 3.33 14.03 14.72
CA GLY A 116 4.55 13.53 14.08
C GLY A 116 4.82 12.08 14.40
N ASP A 117 4.38 11.56 15.53
CA ASP A 117 4.67 10.16 15.80
C ASP A 117 3.85 9.22 14.96
N CYS A 118 2.62 9.67 14.70
CA CYS A 118 1.64 8.95 13.91
C CYS A 118 2.08 8.86 12.46
N LEU A 119 2.59 9.95 11.89
CA LEU A 119 3.09 9.91 10.51
C LEU A 119 4.24 8.94 10.37
N LEU A 120 5.24 8.89 11.26
CA LEU A 120 6.39 7.98 11.16
C LEU A 120 5.99 6.53 11.37
N LYS A 121 5.09 6.28 12.33
CA LYS A 121 4.48 4.97 12.48
C LYS A 121 3.75 4.52 11.22
N PHE A 122 2.95 5.35 10.55
CA PHE A 122 2.34 4.81 9.30
C PHE A 122 3.40 4.41 8.28
N SER A 123 4.42 5.29 8.22
CA SER A 123 5.54 5.09 7.31
C SER A 123 6.26 3.82 7.72
N LEU A 124 6.48 3.60 9.03
CA LEU A 124 7.16 2.36 9.42
C LEU A 124 6.35 1.11 9.19
N ASP A 125 5.08 1.21 9.48
CA ASP A 125 4.15 0.06 9.19
C ASP A 125 4.24 -0.35 7.73
N VAL A 126 4.13 0.59 6.77
CA VAL A 126 4.19 0.23 5.36
C VAL A 126 5.54 -0.27 4.97
N CYS A 127 6.56 0.40 5.52
CA CYS A 127 7.95 0.01 5.19
C CYS A 127 8.27 -1.43 5.64
N GLU A 128 7.77 -1.76 6.84
CA GLU A 128 7.93 -3.15 7.34
C GLU A 128 7.19 -4.07 6.41
N ALA A 129 5.97 -3.80 5.99
CA ALA A 129 5.34 -4.72 5.03
C ALA A 129 6.18 -4.79 3.74
N MET A 130 6.64 -3.63 3.22
CA MET A 130 7.47 -3.66 2.00
C MET A 130 8.76 -4.46 2.15
N GLU A 131 9.44 -4.21 3.27
CA GLU A 131 10.57 -5.05 3.68
C GLU A 131 10.35 -6.54 3.65
N TYR A 132 9.18 -6.96 4.10
CA TYR A 132 8.78 -8.36 4.13
C TYR A 132 8.57 -8.90 2.75
N LEU A 133 7.71 -8.26 1.93
CA LEU A 133 7.50 -8.69 0.54
C LEU A 133 8.79 -8.64 -0.28
N GLU A 134 9.65 -7.63 0.03
CA GLU A 134 10.94 -7.56 -0.64
C GLU A 134 11.71 -8.84 -0.34
N GLY A 135 11.78 -9.19 0.95
CA GLY A 135 12.39 -10.41 1.40
C GLY A 135 11.81 -11.66 0.77
N ASN A 136 10.55 -11.69 0.35
CA ASN A 136 10.04 -12.92 -0.26
C ASN A 136 10.05 -12.80 -1.77
N ASN A 137 10.74 -11.79 -2.31
CA ASN A 137 10.80 -11.64 -3.76
C ASN A 137 9.43 -11.31 -4.36
N PHE A 138 8.53 -10.66 -3.61
CA PHE A 138 7.24 -10.24 -4.09
C PHE A 138 7.19 -8.76 -4.41
N VAL A 139 6.75 -8.43 -5.61
CA VAL A 139 6.57 -7.06 -6.04
C VAL A 139 5.12 -6.61 -5.84
N HIS A 140 4.95 -5.43 -5.27
CA HIS A 140 3.64 -4.89 -5.03
C HIS A 140 3.00 -4.27 -6.26
N ARG A 141 3.65 -3.48 -7.10
CA ARG A 141 3.10 -2.95 -8.31
C ARG A 141 2.03 -1.86 -8.22
N ASP A 142 1.53 -1.47 -7.08
CA ASP A 142 0.48 -0.48 -6.97
C ASP A 142 0.47 0.19 -5.62
N LEU A 143 1.64 0.41 -5.06
CA LEU A 143 1.84 1.03 -3.78
C LEU A 143 1.47 2.48 -3.78
N ALA A 144 0.50 2.83 -2.98
CA ALA A 144 0.01 4.21 -2.90
C ALA A 144 -0.85 4.34 -1.65
N ALA A 145 -0.86 5.49 -0.97
CA ALA A 145 -1.72 5.69 0.17
C ALA A 145 -3.15 5.20 -0.02
N ARG A 146 -3.80 5.27 -1.17
CA ARG A 146 -5.10 4.66 -1.40
C ARG A 146 -5.16 3.17 -1.14
N ASN A 147 -4.02 2.48 -1.39
CA ASN A 147 -3.97 1.04 -1.21
C ASN A 147 -3.40 0.56 0.12
N VAL A 148 -3.38 1.44 1.09
CA VAL A 148 -2.92 1.10 2.41
C VAL A 148 -4.18 1.18 3.24
N LEU A 149 -4.41 0.24 4.12
CA LEU A 149 -5.60 0.35 4.96
C LEU A 149 -5.18 0.57 6.42
N VAL A 150 -6.00 1.18 7.25
CA VAL A 150 -5.83 1.40 8.66
C VAL A 150 -6.85 0.62 9.53
N SER A 151 -6.25 -0.13 10.45
CA SER A 151 -7.08 -0.96 11.34
C SER A 151 -7.72 -0.06 12.40
N GLU A 152 -8.54 -0.71 13.25
CA GLU A 152 -9.24 0.01 14.32
C GLU A 152 -8.21 0.40 15.37
N ASP A 153 -7.12 -0.32 15.41
CA ASP A 153 -6.05 -0.02 16.34
C ASP A 153 -5.06 0.95 15.78
N ASN A 154 -5.28 1.56 14.63
CA ASN A 154 -4.36 2.49 14.02
C ASN A 154 -3.14 1.84 13.41
N VAL A 155 -3.16 0.65 12.89
CA VAL A 155 -1.98 0.06 12.25
C VAL A 155 -2.17 0.07 10.74
N ALA A 156 -1.27 0.64 9.96
CA ALA A 156 -1.36 0.65 8.50
C ALA A 156 -0.87 -0.71 7.99
N LYS A 157 -1.58 -1.25 7.01
CA LYS A 157 -1.31 -2.52 6.40
C LYS A 157 -1.53 -2.43 4.89
N VAL A 158 -0.88 -3.29 4.16
CA VAL A 158 -1.07 -3.28 2.69
C VAL A 158 -1.66 -4.66 2.30
N SER A 159 -2.04 -4.89 1.05
CA SER A 159 -2.49 -6.21 0.68
C SER A 159 -1.52 -7.16 -0.03
N ASP A 160 -1.75 -8.45 0.13
CA ASP A 160 -1.02 -9.51 -0.52
C ASP A 160 -1.81 -10.18 -1.63
N PHE A 161 -3.10 -9.91 -1.86
CA PHE A 161 -3.73 -10.54 -3.03
C PHE A 161 -3.05 -9.87 -4.23
N GLY A 162 -2.85 -10.57 -5.33
CA GLY A 162 -2.18 -9.97 -6.48
C GLY A 162 -2.34 -10.65 -7.83
N LEU A 163 -2.63 -9.83 -8.85
CA LEU A 163 -2.69 -10.26 -10.24
C LEU A 163 -2.91 -9.03 -11.11
N LEU A 176 -1.53 2.40 -16.04
CA LEU A 176 -0.55 2.61 -14.98
C LEU A 176 -0.69 4.01 -14.39
N PRO A 177 -0.86 4.15 -13.08
CA PRO A 177 -1.00 5.44 -12.44
C PRO A 177 0.28 6.27 -12.42
N VAL A 178 0.37 7.15 -13.40
CA VAL A 178 1.56 7.97 -13.66
C VAL A 178 2.32 8.61 -12.52
N LYS A 179 1.58 9.18 -11.56
CA LYS A 179 2.14 9.91 -10.47
C LYS A 179 2.73 8.98 -9.45
N TRP A 180 2.56 7.69 -9.52
CA TRP A 180 3.04 6.82 -8.44
C TRP A 180 4.09 5.85 -8.99
N THR A 181 4.12 5.67 -10.29
CA THR A 181 4.89 4.59 -10.87
C THR A 181 6.28 5.06 -11.31
N ALA A 182 7.30 4.32 -10.95
CA ALA A 182 8.65 4.70 -11.45
C ALA A 182 8.63 4.81 -12.98
N PRO A 183 9.38 5.77 -13.50
CA PRO A 183 9.47 6.05 -14.93
C PRO A 183 9.94 4.90 -15.79
N GLU A 184 10.86 4.04 -15.31
CA GLU A 184 11.27 2.86 -16.05
C GLU A 184 10.16 1.80 -16.09
N ALA A 185 9.33 1.75 -15.03
CA ALA A 185 8.15 0.90 -15.07
C ALA A 185 7.04 1.43 -15.96
N LEU A 186 6.90 2.75 -16.21
CA LEU A 186 5.97 3.25 -17.22
C LEU A 186 6.46 2.91 -18.62
N ARG A 187 7.70 3.09 -19.00
CA ARG A 187 8.14 2.75 -20.35
C ARG A 187 8.18 1.24 -20.64
N GLU A 188 8.91 0.55 -19.74
CA GLU A 188 9.20 -0.85 -19.83
C GLU A 188 7.98 -1.70 -19.57
N LYS A 189 7.01 -1.21 -18.79
CA LYS A 189 5.79 -1.90 -18.43
C LYS A 189 6.04 -3.09 -17.51
N LYS A 190 7.28 -3.24 -17.02
CA LYS A 190 7.68 -4.32 -16.14
C LYS A 190 7.91 -3.72 -14.75
N PHE A 191 7.80 -4.52 -13.69
CA PHE A 191 7.92 -3.97 -12.34
C PHE A 191 8.95 -4.70 -11.50
N SER A 192 9.47 -4.09 -10.44
CA SER A 192 10.42 -4.72 -9.53
C SER A 192 10.26 -4.19 -8.12
N THR A 193 10.98 -4.64 -7.13
CA THR A 193 11.00 -4.08 -5.81
C THR A 193 11.49 -2.63 -5.87
N LYS A 194 12.52 -2.37 -6.68
CA LYS A 194 12.97 -1.02 -6.90
C LYS A 194 11.93 -0.04 -7.41
N SER A 195 11.02 -0.41 -8.31
CA SER A 195 9.90 0.48 -8.58
C SER A 195 8.93 0.62 -7.40
N ASP A 196 8.74 -0.44 -6.56
CA ASP A 196 7.93 -0.24 -5.36
C ASP A 196 8.57 0.78 -4.44
N VAL A 197 9.90 0.85 -4.40
CA VAL A 197 10.64 1.84 -3.65
C VAL A 197 10.31 3.22 -4.15
N TRP A 198 10.21 3.44 -5.48
CA TRP A 198 9.80 4.75 -6.01
C TRP A 198 8.38 5.04 -5.53
N SER A 199 7.45 4.10 -5.64
CA SER A 199 6.11 4.41 -5.17
C SER A 199 6.14 4.67 -3.67
N PHE A 200 6.94 3.90 -2.90
CA PHE A 200 6.99 4.25 -1.47
C PHE A 200 7.38 5.68 -1.19
N GLY A 201 8.34 6.29 -1.91
CA GLY A 201 8.63 7.69 -1.65
C GLY A 201 7.38 8.55 -1.93
N ILE A 202 6.62 8.25 -3.02
CA ILE A 202 5.47 9.00 -3.39
C ILE A 202 4.47 8.86 -2.22
N LEU A 203 4.37 7.61 -1.70
CA LEU A 203 3.55 7.38 -0.52
C LEU A 203 4.01 8.21 0.69
N LEU A 204 5.31 8.35 0.90
CA LEU A 204 5.77 9.11 2.06
C LEU A 204 5.31 10.55 1.87
N TRP A 205 5.50 11.03 0.61
CA TRP A 205 5.04 12.39 0.30
C TRP A 205 3.55 12.51 0.60
N GLU A 206 2.74 11.51 0.30
CA GLU A 206 1.30 11.59 0.63
C GLU A 206 1.07 11.66 2.13
N ILE A 207 1.85 10.82 2.83
CA ILE A 207 1.74 10.78 4.28
C ILE A 207 2.10 12.16 4.82
N TYR A 208 3.25 12.70 4.49
CA TYR A 208 3.65 13.97 5.10
C TYR A 208 2.86 15.18 4.71
N SER A 209 2.08 15.06 3.65
CA SER A 209 1.23 16.15 3.15
C SER A 209 -0.23 15.97 3.51
N PHE A 210 -0.55 15.08 4.43
CA PHE A 210 -1.93 14.75 4.84
C PHE A 210 -2.90 14.39 3.70
N GLY A 211 -2.30 13.71 2.70
CA GLY A 211 -2.97 13.11 1.60
C GLY A 211 -3.23 14.00 0.39
N ARG A 212 -2.36 14.94 0.08
CA ARG A 212 -2.54 15.78 -1.10
C ARG A 212 -2.20 14.96 -2.33
N VAL A 213 -2.96 15.16 -3.38
CA VAL A 213 -2.61 14.50 -4.66
C VAL A 213 -1.19 14.93 -5.00
N PRO A 214 -0.34 13.96 -5.34
CA PRO A 214 1.03 14.18 -5.73
C PRO A 214 1.13 15.19 -6.88
N TYR A 215 2.28 15.82 -7.03
CA TYR A 215 2.58 16.77 -8.06
C TYR A 215 1.67 17.98 -8.18
N PRO A 216 1.57 18.72 -7.07
CA PRO A 216 0.76 19.91 -7.04
C PRO A 216 1.37 21.06 -7.83
N ARG A 217 2.66 21.09 -8.13
CA ARG A 217 3.21 22.25 -8.78
C ARG A 217 3.14 22.08 -10.30
N ILE A 218 2.86 20.85 -10.78
CA ILE A 218 2.92 20.66 -12.23
C ILE A 218 1.62 20.08 -12.71
N PRO A 219 1.45 19.96 -14.04
CA PRO A 219 0.20 19.41 -14.54
C PRO A 219 0.36 17.95 -14.90
N LEU A 220 -0.73 17.19 -14.73
CA LEU A 220 -0.74 15.78 -15.01
C LEU A 220 0.01 15.41 -16.27
N LYS A 221 -0.28 16.11 -17.35
CA LYS A 221 0.33 15.92 -18.66
C LYS A 221 1.85 16.04 -18.67
N ASP A 222 2.45 16.89 -17.89
CA ASP A 222 3.84 17.18 -17.79
C ASP A 222 4.59 16.31 -16.79
N VAL A 223 3.88 15.61 -15.93
CA VAL A 223 4.50 14.76 -14.95
C VAL A 223 5.61 13.89 -15.48
N VAL A 224 5.42 12.86 -16.27
CA VAL A 224 6.40 11.96 -16.78
C VAL A 224 7.63 12.60 -17.42
N PRO A 225 7.44 13.47 -18.40
CA PRO A 225 8.48 14.24 -19.00
C PRO A 225 9.26 15.09 -18.03
N ARG A 226 8.73 15.60 -16.91
CA ARG A 226 9.60 16.35 -16.01
C ARG A 226 10.34 15.39 -15.08
N VAL A 227 9.66 14.37 -14.60
CA VAL A 227 10.24 13.39 -13.70
C VAL A 227 11.38 12.71 -14.42
N GLU A 228 11.21 12.34 -15.70
CA GLU A 228 12.25 11.69 -16.44
C GLU A 228 13.58 12.45 -16.55
N LYS A 229 13.58 13.75 -16.43
CA LYS A 229 14.71 14.62 -16.44
C LYS A 229 15.15 15.00 -15.05
N GLY A 230 14.66 14.34 -14.02
CA GLY A 230 15.06 14.50 -12.65
C GLY A 230 14.14 15.33 -11.81
N TYR A 231 13.01 15.86 -12.32
CA TYR A 231 12.17 16.64 -11.41
C TYR A 231 11.78 15.79 -10.19
N LYS A 232 11.77 16.44 -9.02
CA LYS A 232 11.42 15.85 -7.74
C LYS A 232 10.48 16.77 -7.04
N MET A 233 9.46 16.27 -6.33
CA MET A 233 8.53 17.15 -5.61
C MET A 233 9.29 17.81 -4.47
N ASP A 234 8.94 19.04 -4.15
CA ASP A 234 9.37 19.67 -2.92
C ASP A 234 8.76 18.98 -1.71
N ALA A 235 9.42 19.16 -0.57
CA ALA A 235 9.01 18.64 0.71
C ALA A 235 7.68 19.23 1.06
N PRO A 236 6.77 18.37 1.52
CA PRO A 236 5.49 18.83 2.05
C PRO A 236 5.73 19.89 3.12
N ASP A 237 4.81 20.83 3.25
CA ASP A 237 4.86 21.84 4.30
C ASP A 237 5.05 21.23 5.68
N GLY A 238 6.11 21.74 6.33
CA GLY A 238 6.45 21.29 7.67
C GLY A 238 7.11 19.92 7.72
N CYS A 239 7.38 19.25 6.61
CA CYS A 239 8.06 17.97 6.57
C CYS A 239 9.45 17.96 7.19
N PRO A 240 9.70 16.97 8.05
CA PRO A 240 11.02 16.83 8.67
C PRO A 240 12.10 16.60 7.65
N PRO A 241 13.09 17.48 7.65
CA PRO A 241 14.25 17.37 6.77
C PRO A 241 14.72 15.97 6.53
N ALA A 242 14.86 15.10 7.55
CA ALA A 242 15.33 13.74 7.32
C ALA A 242 14.32 12.87 6.61
N VAL A 243 13.04 13.11 6.79
CA VAL A 243 12.00 12.36 6.03
C VAL A 243 12.07 12.77 4.56
N TYR A 244 12.35 14.04 4.29
CA TYR A 244 12.49 14.54 2.93
C TYR A 244 13.67 13.90 2.19
N GLU A 245 14.77 13.62 2.91
CA GLU A 245 15.89 12.91 2.30
C GLU A 245 15.53 11.47 2.00
N VAL A 246 14.82 10.76 2.90
CA VAL A 246 14.33 9.43 2.51
C VAL A 246 13.50 9.47 1.23
N MET A 247 12.54 10.37 1.09
CA MET A 247 11.77 10.54 -0.12
C MET A 247 12.71 10.68 -1.32
N LYS A 248 13.58 11.71 -1.23
CA LYS A 248 14.57 11.90 -2.29
C LYS A 248 15.35 10.63 -2.63
N ASN A 249 15.85 9.82 -1.71
CA ASN A 249 16.57 8.63 -2.06
C ASN A 249 15.67 7.66 -2.83
N CYS A 250 14.40 7.52 -2.45
CA CYS A 250 13.45 6.72 -3.23
C CYS A 250 13.29 7.17 -4.67
N TRP A 251 13.51 8.46 -4.95
CA TRP A 251 13.39 8.99 -6.28
C TRP A 251 14.66 9.09 -7.10
N HIS A 252 15.49 8.03 -7.11
CA HIS A 252 16.64 8.03 -7.99
C HIS A 252 16.17 7.51 -9.35
N LEU A 253 16.74 8.03 -10.44
CA LEU A 253 16.33 7.51 -11.74
C LEU A 253 17.03 6.22 -12.02
N ASP A 254 18.15 5.92 -11.35
CA ASP A 254 18.74 4.57 -11.52
C ASP A 254 18.07 3.67 -10.47
N ALA A 255 17.23 2.74 -10.94
CA ALA A 255 16.45 1.89 -10.07
C ALA A 255 17.39 1.17 -9.10
N ALA A 256 18.49 0.62 -9.62
CA ALA A 256 19.44 -0.13 -8.81
C ALA A 256 20.01 0.66 -7.66
N MET A 257 20.10 1.97 -7.73
CA MET A 257 20.67 2.87 -6.77
C MET A 257 19.59 3.31 -5.78
N ARG A 258 18.32 2.92 -5.99
CA ARG A 258 17.35 3.24 -4.91
C ARG A 258 17.67 2.29 -3.77
N PRO A 259 17.52 2.69 -2.55
CA PRO A 259 17.76 1.83 -1.38
C PRO A 259 16.65 0.79 -1.27
N SER A 260 17.00 -0.33 -0.62
CA SER A 260 16.14 -1.47 -0.39
C SER A 260 15.16 -1.03 0.69
N PHE A 261 14.04 -1.76 0.82
CA PHE A 261 13.19 -1.55 2.00
C PHE A 261 13.93 -1.90 3.29
N LEU A 262 14.91 -2.82 3.28
CA LEU A 262 15.72 -3.10 4.46
C LEU A 262 16.43 -1.82 4.84
N GLN A 263 17.12 -1.14 3.90
CA GLN A 263 17.80 0.10 4.26
C GLN A 263 16.81 1.21 4.59
N LEU A 264 15.64 1.29 3.93
CA LEU A 264 14.67 2.30 4.33
C LEU A 264 14.21 2.14 5.76
N ARG A 265 13.90 0.87 6.12
CA ARG A 265 13.54 0.56 7.48
C ARG A 265 14.59 1.08 8.48
N GLU A 266 15.88 0.90 8.17
CA GLU A 266 16.89 1.39 9.09
C GLU A 266 16.88 2.93 9.10
N GLN A 267 16.84 3.55 7.92
CA GLN A 267 16.72 5.01 7.92
C GLN A 267 15.52 5.53 8.72
N LEU A 268 14.33 4.92 8.61
CA LEU A 268 13.20 5.42 9.38
C LEU A 268 13.37 5.09 10.85
N GLU A 269 13.91 3.94 11.23
CA GLU A 269 14.13 3.65 12.66
C GLU A 269 15.10 4.68 13.27
N HIS A 270 16.14 5.01 12.49
CA HIS A 270 17.13 6.03 12.88
C HIS A 270 16.41 7.34 13.20
N ILE A 271 15.52 7.78 12.29
CA ILE A 271 14.81 9.02 12.49
C ILE A 271 13.96 9.03 13.76
N LYS A 272 13.34 7.90 14.04
CA LYS A 272 12.42 7.74 15.15
C LYS A 272 13.25 7.85 16.44
N THR A 273 14.41 7.19 16.39
CA THR A 273 15.22 7.18 17.59
C THR A 273 15.78 8.55 17.94
N HIS A 274 16.24 9.36 16.98
CA HIS A 274 16.85 10.59 17.44
C HIS A 274 15.95 11.80 17.33
N GLU A 275 14.98 11.69 16.42
CA GLU A 275 14.20 12.90 16.11
C GLU A 275 13.11 13.11 17.12
N LEU A 276 13.08 12.37 18.23
CA LEU A 276 12.02 12.49 19.21
C LEU A 276 12.55 12.48 20.65
#